data_6PRK
#
_entry.id   6PRK
#
_cell.length_a   86.090
_cell.length_b   86.090
_cell.length_c   87.640
_cell.angle_alpha   90.000
_cell.angle_beta   90.000
_cell.angle_gamma   120.000
#
_symmetry.space_group_name_H-M   'P 62'
#
loop_
_entity.id
_entity.type
_entity.pdbx_description
1 polymer RicF
2 polymer RicA
#
loop_
_entity_poly.entity_id
_entity_poly.type
_entity_poly.pdbx_seq_one_letter_code
_entity_poly.pdbx_strand_id
1 'polypeptide(L)'
;MYATMESVRLQSEAQQLAEMILQSETAENYRNCYKRLQEDEEAGRIIRSFIKIKEQYEDVQRFGKYHPDYREISRKMREI
KRELDLNDKVADFKRAENELQSILDEVSVEIGTAVSEHVKV
;
A
2 'polypeptide(L)'
;GPMTLYSKKDIVQQARNLAKMISETEEVDFFKRAEAQINENDKVSTIVNQIKALQKQAVNLKHYEKHEALKQVEAKIDAL
QEELEEIPVIQEFRDSQMEVNDLLQLVAHTISNQVTNEIITSTG
;
B
#
# COMPACT_ATOMS: atom_id res chain seq x y z
N GLU A 6 16.70 18.38 13.59
CA GLU A 6 15.29 18.04 13.71
C GLU A 6 14.63 17.39 12.43
N SER A 7 15.19 17.72 11.25
CA SER A 7 14.70 17.31 9.92
C SER A 7 15.49 16.15 9.32
N VAL A 8 16.84 16.27 9.35
CA VAL A 8 17.82 15.31 8.82
C VAL A 8 17.73 13.98 9.56
N ARG A 9 17.44 14.07 10.88
CA ARG A 9 17.28 12.94 11.80
C ARG A 9 16.34 11.84 11.26
N LEU A 10 15.39 12.24 10.39
CA LEU A 10 14.43 11.36 9.76
C LEU A 10 15.01 10.78 8.48
N GLN A 11 15.62 11.64 7.63
CA GLN A 11 16.22 11.19 6.37
C GLN A 11 17.31 10.16 6.66
N SER A 12 18.29 10.54 7.55
CA SER A 12 19.44 9.74 7.97
C SER A 12 19.04 8.35 8.44
N GLU A 13 17.93 8.24 9.21
CA GLU A 13 17.46 6.94 9.67
C GLU A 13 16.74 6.15 8.58
N ALA A 14 16.04 6.83 7.67
CA ALA A 14 15.37 6.19 6.54
C ALA A 14 16.41 5.69 5.54
N GLN A 15 17.57 6.38 5.48
CA GLN A 15 18.69 6.02 4.61
C GLN A 15 19.42 4.79 5.19
N GLN A 16 19.55 4.72 6.53
CA GLN A 16 20.17 3.60 7.24
C GLN A 16 19.35 2.37 6.96
N LEU A 17 18.04 2.44 7.25
CA LEU A 17 17.07 1.38 7.04
C LEU A 17 17.13 0.87 5.60
N ALA A 18 17.23 1.78 4.62
CA ALA A 18 17.31 1.39 3.20
C ALA A 18 18.65 0.74 2.86
N GLU A 19 19.78 1.31 3.36
CA GLU A 19 21.13 0.78 3.13
C GLU A 19 21.30 -0.59 3.77
N MET A 20 20.50 -0.85 4.85
CA MET A 20 20.43 -2.12 5.57
C MET A 20 19.74 -3.12 4.65
N ILE A 21 18.54 -2.79 4.13
CA ILE A 21 17.77 -3.61 3.19
C ILE A 21 18.64 -3.91 1.97
N LEU A 22 19.38 -2.90 1.51
CA LEU A 22 20.29 -3.03 0.39
C LEU A 22 21.44 -4.01 0.69
N GLN A 23 21.96 -4.06 1.93
CA GLN A 23 22.95 -5.09 2.17
C GLN A 23 22.37 -6.18 3.08
N SER A 24 21.17 -6.65 2.69
CA SER A 24 20.44 -7.74 3.35
C SER A 24 20.55 -8.96 2.44
N GLU A 25 20.23 -10.15 2.99
CA GLU A 25 20.27 -11.42 2.27
C GLU A 25 19.34 -11.37 1.03
N THR A 26 18.14 -10.78 1.20
CA THR A 26 17.11 -10.61 0.18
C THR A 26 17.64 -9.81 -1.02
N ALA A 27 18.46 -8.78 -0.75
CA ALA A 27 19.05 -7.90 -1.75
C ALA A 27 20.15 -8.62 -2.51
N GLU A 28 21.14 -9.20 -1.79
CA GLU A 28 22.25 -9.95 -2.38
C GLU A 28 21.80 -11.08 -3.28
N ASN A 29 20.59 -11.57 -3.02
CA ASN A 29 19.95 -12.61 -3.78
C ASN A 29 19.37 -11.97 -5.04
N TYR A 30 18.45 -10.99 -4.85
CA TYR A 30 17.81 -10.24 -5.94
C TYR A 30 18.87 -9.92 -6.99
N ARG A 31 20.01 -9.42 -6.52
CA ARG A 31 21.12 -9.04 -7.36
C ARG A 31 21.56 -10.20 -8.26
N ASN A 32 22.01 -11.31 -7.64
CA ASN A 32 22.54 -12.51 -8.28
C ASN A 32 21.54 -13.18 -9.26
N CYS A 33 20.23 -13.12 -8.93
CA CYS A 33 19.15 -13.65 -9.76
C CYS A 33 19.01 -12.86 -11.04
N TYR A 34 19.09 -11.51 -10.93
CA TYR A 34 19.04 -10.55 -12.04
C TYR A 34 20.26 -10.72 -12.97
N LYS A 35 21.45 -10.93 -12.35
CA LYS A 35 22.71 -11.18 -13.04
C LYS A 35 22.56 -12.48 -13.84
N ARG A 36 22.06 -13.55 -13.19
CA ARG A 36 21.80 -14.86 -13.80
C ARG A 36 20.84 -14.71 -15.01
N LEU A 37 19.80 -13.90 -14.88
CA LEU A 37 18.81 -13.62 -15.92
C LEU A 37 19.41 -12.81 -17.11
N GLN A 38 20.14 -11.71 -16.80
CA GLN A 38 20.80 -10.84 -17.79
C GLN A 38 21.81 -11.62 -18.61
N GLU A 39 22.63 -12.45 -17.94
CA GLU A 39 23.63 -13.30 -18.58
C GLU A 39 23.00 -14.45 -19.37
N ASP A 40 21.77 -14.88 -19.01
CA ASP A 40 21.07 -15.95 -19.73
C ASP A 40 20.59 -15.47 -21.07
N GLU A 41 20.79 -16.29 -22.06
CA GLU A 41 20.51 -15.91 -23.43
C GLU A 41 19.14 -16.34 -23.93
N GLU A 42 18.73 -17.59 -23.67
CA GLU A 42 17.42 -18.05 -24.11
C GLU A 42 16.29 -17.35 -23.33
N ALA A 43 16.55 -17.01 -22.04
CA ALA A 43 15.56 -16.24 -21.25
C ALA A 43 15.44 -14.91 -21.99
N GLY A 44 16.57 -14.42 -22.53
CA GLY A 44 16.65 -13.21 -23.33
C GLY A 44 15.81 -13.33 -24.59
N ARG A 45 15.92 -14.50 -25.28
CA ARG A 45 15.19 -14.85 -26.51
C ARG A 45 13.69 -14.74 -26.21
N ILE A 46 13.26 -15.36 -25.12
CA ILE A 46 11.87 -15.34 -24.68
C ILE A 46 11.44 -13.90 -24.36
N ILE A 47 12.29 -13.13 -23.61
CA ILE A 47 12.01 -11.76 -23.17
C ILE A 47 11.86 -10.80 -24.38
N ARG A 48 12.83 -10.81 -25.32
CA ARG A 48 12.79 -10.01 -26.55
C ARG A 48 11.48 -10.25 -27.31
N SER A 49 11.08 -11.53 -27.40
CA SER A 49 9.86 -11.98 -28.05
C SER A 49 8.63 -11.39 -27.34
N PHE A 50 8.51 -11.62 -26.03
CA PHE A 50 7.45 -11.10 -25.18
C PHE A 50 7.23 -9.58 -25.45
N ILE A 51 8.34 -8.82 -25.49
CA ILE A 51 8.41 -7.40 -25.83
C ILE A 51 7.66 -7.13 -27.17
N LYS A 52 8.01 -7.89 -28.24
CA LYS A 52 7.39 -7.76 -29.58
C LYS A 52 5.90 -8.10 -29.55
N ILE A 53 5.53 -9.31 -29.03
CA ILE A 53 4.14 -9.78 -28.93
C ILE A 53 3.27 -8.83 -28.12
N LYS A 54 3.78 -8.34 -26.96
CA LYS A 54 3.08 -7.38 -26.11
C LYS A 54 2.56 -6.20 -26.97
N GLU A 55 3.48 -5.49 -27.65
CA GLU A 55 3.15 -4.36 -28.54
C GLU A 55 2.05 -4.71 -29.55
N GLN A 56 2.21 -5.87 -30.25
CA GLN A 56 1.29 -6.39 -31.25
C GLN A 56 -0.07 -6.58 -30.62
N TYR A 57 -0.10 -7.28 -29.48
CA TYR A 57 -1.30 -7.53 -28.71
C TYR A 57 -2.11 -6.24 -28.45
N GLU A 58 -1.45 -5.25 -27.81
CA GLU A 58 -2.00 -3.94 -27.46
C GLU A 58 -2.58 -3.20 -28.66
N ASP A 59 -1.87 -3.22 -29.82
CA ASP A 59 -2.30 -2.60 -31.08
C ASP A 59 -3.60 -3.21 -31.57
N VAL A 60 -3.67 -4.55 -31.57
CA VAL A 60 -4.81 -5.35 -32.02
C VAL A 60 -5.96 -5.13 -31.10
N GLN A 61 -5.64 -5.11 -29.79
CA GLN A 61 -6.58 -4.89 -28.70
C GLN A 61 -7.31 -3.58 -28.85
N ARG A 62 -6.59 -2.49 -29.21
CA ARG A 62 -7.24 -1.21 -29.43
C ARG A 62 -7.93 -1.13 -30.83
N PHE A 63 -7.56 -2.00 -31.78
CA PHE A 63 -8.20 -2.09 -33.10
C PHE A 63 -9.59 -2.74 -32.98
N GLY A 64 -9.78 -3.57 -31.96
CA GLY A 64 -11.07 -4.20 -31.76
C GLY A 64 -11.10 -5.59 -32.33
N LYS A 65 -12.10 -6.36 -31.88
CA LYS A 65 -12.29 -7.78 -32.19
C LYS A 65 -12.50 -8.11 -33.67
N TYR A 66 -12.65 -7.09 -34.53
CA TYR A 66 -12.84 -7.26 -35.97
C TYR A 66 -11.55 -7.54 -36.72
N HIS A 67 -10.41 -7.25 -36.07
CA HIS A 67 -9.06 -7.50 -36.58
C HIS A 67 -8.83 -8.98 -36.97
N PRO A 68 -8.19 -9.19 -38.15
CA PRO A 68 -7.94 -10.55 -38.64
C PRO A 68 -7.21 -11.50 -37.70
N ASP A 69 -6.22 -11.01 -36.95
CA ASP A 69 -5.46 -11.86 -36.03
C ASP A 69 -5.78 -11.61 -34.57
N TYR A 70 -7.03 -11.18 -34.27
CA TYR A 70 -7.44 -10.93 -32.88
C TYR A 70 -7.26 -12.17 -32.02
N ARG A 71 -7.77 -13.32 -32.50
CA ARG A 71 -7.74 -14.62 -31.84
C ARG A 71 -6.29 -15.11 -31.68
N GLU A 72 -5.53 -15.06 -32.81
CA GLU A 72 -4.14 -15.51 -32.96
C GLU A 72 -3.16 -14.78 -32.07
N ILE A 73 -3.13 -13.43 -32.18
CA ILE A 73 -2.22 -12.60 -31.39
C ILE A 73 -2.52 -12.79 -29.90
N SER A 74 -3.82 -12.97 -29.53
CA SER A 74 -4.22 -13.24 -28.15
C SER A 74 -3.62 -14.57 -27.67
N ARG A 75 -3.64 -15.64 -28.52
CA ARG A 75 -3.00 -16.92 -28.17
C ARG A 75 -1.50 -16.68 -28.00
N LYS A 76 -0.87 -16.08 -29.04
CA LYS A 76 0.56 -15.74 -29.09
C LYS A 76 0.99 -14.99 -27.80
N MET A 77 0.11 -14.12 -27.32
CA MET A 77 0.34 -13.40 -26.09
C MET A 77 0.35 -14.39 -24.90
N ARG A 78 -0.77 -15.10 -24.71
CA ARG A 78 -0.94 -16.07 -23.64
C ARG A 78 0.26 -17.03 -23.58
N GLU A 79 0.63 -17.58 -24.74
CA GLU A 79 1.69 -18.55 -24.89
C GLU A 79 3.09 -18.04 -24.54
N ILE A 80 3.47 -16.84 -24.97
CA ILE A 80 4.80 -16.30 -24.66
C ILE A 80 4.94 -16.06 -23.14
N LYS A 81 3.84 -15.59 -22.49
CA LYS A 81 3.75 -15.37 -21.05
C LYS A 81 4.12 -16.71 -20.40
N ARG A 82 3.42 -17.79 -20.85
CA ARG A 82 3.62 -19.15 -20.37
C ARG A 82 5.03 -19.65 -20.56
N GLU A 83 5.79 -19.10 -21.53
CA GLU A 83 7.21 -19.43 -21.72
C GLU A 83 8.03 -18.74 -20.60
N LEU A 84 7.68 -17.46 -20.22
CA LEU A 84 8.34 -16.72 -19.12
C LEU A 84 8.02 -17.38 -17.79
N ASP A 85 6.73 -17.73 -17.62
CA ASP A 85 6.18 -18.36 -16.43
C ASP A 85 6.95 -19.64 -16.06
N LEU A 86 7.33 -20.39 -17.08
CA LEU A 86 8.01 -21.62 -16.82
C LEU A 86 9.55 -21.54 -16.99
N ASN A 87 10.09 -20.37 -17.47
CA ASN A 87 11.55 -20.21 -17.56
C ASN A 87 12.12 -20.09 -16.15
N ASP A 88 13.06 -20.99 -15.80
CA ASP A 88 13.68 -21.03 -14.47
C ASP A 88 14.29 -19.68 -14.07
N LYS A 89 15.23 -19.16 -14.87
CA LYS A 89 15.91 -17.89 -14.59
C LYS A 89 14.94 -16.70 -14.41
N VAL A 90 13.79 -16.69 -15.14
CA VAL A 90 12.77 -15.64 -15.04
C VAL A 90 12.06 -15.84 -13.71
N ALA A 91 11.46 -17.03 -13.55
CA ALA A 91 10.73 -17.48 -12.38
C ALA A 91 11.53 -17.12 -11.11
N ASP A 92 12.80 -17.59 -11.04
CA ASP A 92 13.76 -17.36 -9.96
C ASP A 92 13.86 -15.85 -9.61
N PHE A 93 14.00 -15.00 -10.65
CA PHE A 93 14.11 -13.58 -10.46
C PHE A 93 12.80 -12.99 -9.99
N LYS A 94 11.67 -13.41 -10.57
CA LYS A 94 10.36 -12.87 -10.19
C LYS A 94 10.01 -13.20 -8.73
N ARG A 95 10.50 -14.35 -8.22
CA ARG A 95 10.32 -14.76 -6.83
C ARG A 95 11.17 -13.79 -5.96
N ALA A 96 12.47 -13.60 -6.37
CA ALA A 96 13.48 -12.76 -5.68
C ALA A 96 13.06 -11.32 -5.56
N GLU A 97 12.29 -10.87 -6.56
CA GLU A 97 11.74 -9.54 -6.68
C GLU A 97 10.71 -9.37 -5.58
N ASN A 98 9.77 -10.36 -5.45
CA ASN A 98 8.71 -10.36 -4.45
C ASN A 98 9.26 -10.46 -3.05
N GLU A 99 10.22 -11.40 -2.79
CA GLU A 99 10.80 -11.53 -1.45
C GLU A 99 11.18 -10.11 -0.95
N LEU A 100 11.84 -9.30 -1.83
CA LEU A 100 12.27 -7.92 -1.56
C LEU A 100 11.08 -7.01 -1.42
N GLN A 101 10.11 -7.14 -2.32
CA GLN A 101 8.93 -6.34 -2.21
C GLN A 101 8.26 -6.54 -0.84
N SER A 102 8.22 -7.80 -0.35
CA SER A 102 7.69 -8.12 0.98
C SER A 102 8.48 -7.37 2.08
N ILE A 103 9.84 -7.51 2.07
CA ILE A 103 10.73 -6.82 3.01
C ILE A 103 10.30 -5.34 3.09
N LEU A 104 10.12 -4.72 1.93
CA LEU A 104 9.67 -3.35 1.82
C LEU A 104 8.35 -3.11 2.51
N ASP A 105 7.36 -3.97 2.27
CA ASP A 105 6.04 -3.80 2.87
C ASP A 105 5.98 -4.07 4.36
N GLU A 106 6.73 -5.09 4.87
CA GLU A 106 6.74 -5.42 6.29
C GLU A 106 7.26 -4.20 7.05
N VAL A 107 8.20 -3.48 6.41
CA VAL A 107 8.83 -2.26 6.91
C VAL A 107 7.78 -1.16 6.92
N SER A 108 7.09 -0.93 5.78
CA SER A 108 6.01 0.05 5.62
C SER A 108 4.96 -0.14 6.70
N VAL A 109 4.54 -1.39 6.95
CA VAL A 109 3.58 -1.77 7.97
C VAL A 109 4.12 -1.42 9.34
N GLU A 110 5.38 -1.82 9.64
CA GLU A 110 6.07 -1.57 10.91
C GLU A 110 6.15 -0.08 11.30
N ILE A 111 6.38 0.76 10.30
CA ILE A 111 6.42 2.20 10.46
C ILE A 111 5.01 2.67 10.88
N GLY A 112 3.99 2.17 10.21
CA GLY A 112 2.59 2.49 10.49
C GLY A 112 2.07 1.99 11.83
N THR A 113 2.57 0.82 12.32
CA THR A 113 2.12 0.20 13.57
C THR A 113 2.52 1.04 14.76
N ALA A 114 3.82 1.28 14.93
CA ALA A 114 4.30 2.08 16.06
C ALA A 114 4.13 3.61 15.80
N VAL A 115 2.87 4.01 15.53
CA VAL A 115 2.36 5.37 15.28
C VAL A 115 0.87 5.31 15.70
N SER A 116 0.20 4.19 15.32
CA SER A 116 -1.20 3.86 15.62
C SER A 116 -1.34 3.54 17.11
N GLU A 117 -0.39 2.74 17.63
CA GLU A 117 -0.34 2.28 19.02
C GLU A 117 0.39 3.30 19.88
N HIS A 118 1.31 4.06 19.27
CA HIS A 118 2.09 5.13 19.90
C HIS A 118 1.20 6.29 20.41
N VAL A 119 -0.10 6.33 19.99
CA VAL A 119 -1.08 7.32 20.45
C VAL A 119 -1.50 7.01 21.90
N LYS A 120 -1.52 5.70 22.29
CA LYS A 120 -1.87 5.21 23.62
C LYS A 120 -0.62 4.77 24.39
N LEU B 5 25.85 -8.68 6.72
CA LEU B 5 24.45 -8.75 6.27
C LEU B 5 23.49 -8.76 7.46
N TYR B 6 22.24 -8.26 7.24
CA TYR B 6 21.18 -8.13 8.26
C TYR B 6 19.99 -9.08 8.01
N SER B 7 19.38 -9.61 9.10
CA SER B 7 18.18 -10.46 8.99
C SER B 7 16.96 -9.56 9.05
N LYS B 8 15.76 -10.13 8.83
CA LYS B 8 14.53 -9.34 8.85
C LYS B 8 14.24 -8.78 10.26
N LYS B 9 14.69 -9.47 11.35
CA LYS B 9 14.53 -8.95 12.72
C LYS B 9 15.28 -7.60 12.95
N ASP B 10 16.54 -7.46 12.42
CA ASP B 10 17.39 -6.24 12.49
C ASP B 10 16.67 -5.07 11.84
N ILE B 11 16.18 -5.34 10.63
CA ILE B 11 15.49 -4.39 9.78
C ILE B 11 14.12 -4.00 10.37
N VAL B 12 13.41 -4.95 11.01
CA VAL B 12 12.10 -4.65 11.64
C VAL B 12 12.32 -3.80 12.89
N GLN B 13 13.45 -3.99 13.59
CA GLN B 13 13.77 -3.17 14.76
C GLN B 13 14.10 -1.77 14.26
N GLN B 14 15.09 -1.65 13.34
CA GLN B 14 15.48 -0.38 12.75
C GLN B 14 14.26 0.43 12.30
N ALA B 15 13.22 -0.24 11.76
CA ALA B 15 11.98 0.40 11.33
C ALA B 15 11.14 0.89 12.52
N ARG B 16 10.98 0.03 13.58
CA ARG B 16 10.20 0.31 14.80
C ARG B 16 10.68 1.56 15.58
N ASN B 17 11.97 1.93 15.40
CA ASN B 17 12.55 3.13 16.01
C ASN B 17 12.19 4.34 15.17
N LEU B 18 12.30 4.20 13.82
CA LEU B 18 11.95 5.24 12.86
C LEU B 18 10.47 5.54 13.02
N ALA B 19 9.68 4.52 13.35
CA ALA B 19 8.24 4.66 13.58
C ALA B 19 8.01 5.60 14.80
N LYS B 20 8.81 5.43 15.91
CA LYS B 20 8.77 6.25 17.11
C LYS B 20 9.26 7.65 16.75
N MET B 21 10.36 7.73 16.01
CA MET B 21 10.94 8.95 15.49
C MET B 21 9.93 9.69 14.61
N ILE B 22 8.92 8.98 14.08
CA ILE B 22 7.85 9.56 13.28
C ILE B 22 6.72 9.99 14.24
N SER B 23 6.55 9.30 15.39
CA SER B 23 5.58 9.70 16.42
C SER B 23 6.08 10.99 17.11
N GLU B 24 7.42 11.22 17.06
CA GLU B 24 8.13 12.38 17.58
C GLU B 24 8.14 13.53 16.52
N THR B 25 6.99 13.77 15.84
CA THR B 25 6.87 14.80 14.79
C THR B 25 5.72 15.73 15.06
N GLU B 26 5.82 16.98 14.53
CA GLU B 26 4.78 18.01 14.57
C GLU B 26 3.44 17.34 14.17
N GLU B 27 3.40 16.77 12.95
CA GLU B 27 2.27 16.14 12.26
C GLU B 27 1.45 15.18 13.13
N VAL B 28 2.11 14.14 13.70
CA VAL B 28 1.52 13.09 14.57
C VAL B 28 1.00 13.73 15.86
N ASP B 29 1.81 14.65 16.41
CA ASP B 29 1.51 15.40 17.62
C ASP B 29 0.21 16.22 17.41
N PHE B 30 0.06 16.88 16.24
CA PHE B 30 -1.14 17.65 15.91
C PHE B 30 -2.36 16.74 15.88
N PHE B 31 -2.19 15.53 15.27
CA PHE B 31 -3.21 14.50 15.07
C PHE B 31 -3.90 14.09 16.36
N LYS B 32 -3.11 13.70 17.38
CA LYS B 32 -3.60 13.29 18.70
C LYS B 32 -4.42 14.41 19.31
N ARG B 33 -3.99 15.68 19.09
CA ARG B 33 -4.60 16.91 19.59
C ARG B 33 -6.00 17.19 19.03
N ALA B 34 -6.22 16.91 17.72
CA ALA B 34 -7.54 17.05 17.07
C ALA B 34 -8.42 15.88 17.51
N GLU B 35 -7.80 14.70 17.70
CA GLU B 35 -8.36 13.42 18.16
C GLU B 35 -8.96 13.61 19.55
N ALA B 36 -8.28 14.40 20.38
CA ALA B 36 -8.71 14.73 21.73
C ALA B 36 -9.98 15.57 21.66
N GLN B 37 -9.95 16.66 20.87
CA GLN B 37 -11.08 17.60 20.75
C GLN B 37 -12.37 17.04 20.13
N ILE B 38 -12.35 15.91 19.37
CA ILE B 38 -13.61 15.46 18.76
C ILE B 38 -14.48 14.63 19.76
N ASN B 39 -13.89 13.71 20.58
CA ASN B 39 -14.74 12.99 21.55
C ASN B 39 -15.05 13.88 22.79
N GLU B 40 -14.29 14.97 22.95
CA GLU B 40 -14.49 15.98 23.98
C GLU B 40 -15.74 16.77 23.58
N ASN B 41 -15.95 16.96 22.24
CA ASN B 41 -17.08 17.65 21.66
C ASN B 41 -18.39 16.85 21.80
N ASP B 42 -19.37 17.42 22.56
CA ASP B 42 -20.68 16.83 22.89
C ASP B 42 -21.82 17.25 21.92
N LYS B 43 -21.52 17.17 20.61
CA LYS B 43 -22.38 17.45 19.45
C LYS B 43 -22.08 16.28 18.54
N VAL B 44 -20.79 15.88 18.56
CA VAL B 44 -20.16 14.76 17.88
C VAL B 44 -20.57 13.52 18.68
N SER B 45 -20.35 13.56 20.03
CA SER B 45 -20.69 12.52 21.01
C SER B 45 -22.20 12.23 20.97
N THR B 46 -23.00 13.26 20.65
CA THR B 46 -24.46 13.21 20.49
C THR B 46 -24.81 12.31 19.29
N ILE B 47 -24.33 12.69 18.07
CA ILE B 47 -24.54 12.01 16.78
C ILE B 47 -23.97 10.59 16.77
N VAL B 48 -22.71 10.39 17.23
CA VAL B 48 -22.07 9.06 17.28
C VAL B 48 -22.84 8.05 18.17
N ASN B 49 -23.72 8.54 19.06
CA ASN B 49 -24.56 7.73 19.95
C ASN B 49 -26.00 7.68 19.44
N GLN B 50 -26.44 8.74 18.75
CA GLN B 50 -27.76 8.87 18.11
C GLN B 50 -27.78 7.82 16.98
N ILE B 51 -26.70 7.80 16.16
CA ILE B 51 -26.50 6.86 15.05
C ILE B 51 -26.17 5.47 15.58
N LYS B 52 -25.38 5.37 16.69
CA LYS B 52 -25.00 4.10 17.33
C LYS B 52 -26.26 3.27 17.66
N ALA B 53 -27.29 3.92 18.24
CA ALA B 53 -28.57 3.31 18.59
C ALA B 53 -29.40 3.00 17.33
N LEU B 54 -29.44 3.95 16.36
CA LEU B 54 -30.13 3.89 15.06
C LEU B 54 -29.63 2.70 14.23
N GLN B 55 -28.34 2.38 14.39
CA GLN B 55 -27.64 1.27 13.74
C GLN B 55 -28.13 -0.05 14.34
N LYS B 56 -28.26 -0.11 15.69
CA LYS B 56 -28.72 -1.29 16.44
C LYS B 56 -30.19 -1.57 16.15
N GLN B 57 -31.00 -0.51 15.92
CA GLN B 57 -32.42 -0.62 15.59
C GLN B 57 -32.62 -1.23 14.20
N ALA B 58 -31.66 -0.98 13.27
CA ALA B 58 -31.63 -1.50 11.90
C ALA B 58 -31.46 -3.03 11.84
N VAL B 59 -30.78 -3.61 12.88
CA VAL B 59 -30.52 -5.05 13.03
C VAL B 59 -31.88 -5.76 13.21
N ASN B 60 -32.77 -5.12 13.98
CA ASN B 60 -34.14 -5.60 14.27
C ASN B 60 -34.99 -5.51 13.00
N LEU B 61 -34.84 -4.42 12.23
CA LEU B 61 -35.59 -4.19 11.01
C LEU B 61 -35.10 -5.07 9.85
N LYS B 62 -33.96 -5.76 10.04
CA LYS B 62 -33.39 -6.72 9.10
C LYS B 62 -34.18 -8.03 9.29
N HIS B 63 -34.25 -8.52 10.57
CA HIS B 63 -35.02 -9.70 11.00
C HIS B 63 -36.47 -9.48 10.56
N TYR B 64 -37.06 -8.36 11.05
CA TYR B 64 -38.41 -7.93 10.70
C TYR B 64 -38.36 -7.27 9.31
N GLU B 65 -38.49 -8.12 8.27
CA GLU B 65 -38.53 -7.84 6.83
C GLU B 65 -39.51 -6.67 6.59
N LYS B 66 -39.01 -5.42 6.72
CA LYS B 66 -39.81 -4.22 6.54
C LYS B 66 -39.05 -3.18 5.73
N HIS B 67 -39.22 -3.26 4.38
CA HIS B 67 -38.61 -2.39 3.36
C HIS B 67 -38.63 -0.92 3.76
N GLU B 68 -39.84 -0.30 3.82
CA GLU B 68 -40.07 1.12 4.15
C GLU B 68 -39.48 1.55 5.48
N ALA B 69 -39.61 0.69 6.50
CA ALA B 69 -39.12 0.96 7.85
C ALA B 69 -37.58 0.96 7.93
N LEU B 70 -36.92 -0.08 7.39
CA LEU B 70 -35.46 -0.20 7.41
C LEU B 70 -34.80 0.88 6.57
N LYS B 71 -35.47 1.37 5.51
CA LYS B 71 -34.87 2.42 4.69
C LYS B 71 -35.18 3.81 5.25
N GLN B 72 -36.24 3.95 6.09
CA GLN B 72 -36.53 5.21 6.79
C GLN B 72 -35.33 5.45 7.70
N VAL B 73 -34.98 4.47 8.58
CA VAL B 73 -33.83 4.48 9.49
C VAL B 73 -32.52 4.59 8.71
N GLU B 74 -32.34 3.84 7.60
CA GLU B 74 -31.13 3.89 6.77
C GLU B 74 -30.87 5.30 6.24
N ALA B 75 -31.89 5.92 5.59
CA ALA B 75 -31.79 7.28 5.06
C ALA B 75 -31.48 8.31 6.17
N LYS B 76 -32.01 8.06 7.39
CA LYS B 76 -31.74 8.89 8.57
C LYS B 76 -30.29 8.70 9.06
N ILE B 77 -29.73 7.46 8.97
CA ILE B 77 -28.34 7.22 9.39
C ILE B 77 -27.37 7.91 8.43
N ASP B 78 -27.41 7.55 7.12
CA ASP B 78 -26.49 8.10 6.12
C ASP B 78 -26.47 9.62 6.11
N ALA B 79 -27.64 10.28 6.24
CA ALA B 79 -27.73 11.74 6.28
C ALA B 79 -27.10 12.31 7.57
N LEU B 80 -27.25 11.58 8.70
CA LEU B 80 -26.69 11.98 9.99
C LEU B 80 -25.18 11.83 10.04
N GLN B 81 -24.61 11.02 9.16
CA GLN B 81 -23.16 10.86 9.08
C GLN B 81 -22.57 12.02 8.30
N GLU B 82 -23.23 12.39 7.18
CA GLU B 82 -22.89 13.50 6.29
C GLU B 82 -22.98 14.82 7.06
N GLU B 83 -24.01 14.94 7.92
CA GLU B 83 -24.24 16.07 8.83
C GLU B 83 -23.11 16.13 9.88
N LEU B 84 -22.62 14.94 10.32
CA LEU B 84 -21.54 14.83 11.29
C LEU B 84 -20.21 15.21 10.65
N GLU B 85 -20.09 14.97 9.32
CA GLU B 85 -18.90 15.32 8.56
C GLU B 85 -18.71 16.84 8.38
N GLU B 86 -19.77 17.64 8.68
CA GLU B 86 -19.80 19.10 8.56
C GLU B 86 -19.40 19.81 9.85
N ILE B 87 -19.07 19.03 10.91
CA ILE B 87 -18.61 19.56 12.19
C ILE B 87 -17.14 19.97 11.99
N PRO B 88 -16.76 21.22 12.32
CA PRO B 88 -15.37 21.65 12.07
C PRO B 88 -14.31 20.92 12.89
N VAL B 89 -14.65 20.40 14.09
CA VAL B 89 -13.69 19.68 14.94
C VAL B 89 -13.26 18.36 14.29
N ILE B 90 -14.22 17.61 13.68
CA ILE B 90 -13.90 16.36 12.95
C ILE B 90 -13.24 16.72 11.61
N GLN B 91 -13.63 17.90 11.02
CA GLN B 91 -13.08 18.41 9.77
C GLN B 91 -11.58 18.61 9.93
N GLU B 92 -11.17 19.14 11.11
CA GLU B 92 -9.77 19.33 11.46
C GLU B 92 -9.08 17.97 11.53
N PHE B 93 -9.67 17.01 12.25
CA PHE B 93 -9.18 15.64 12.43
C PHE B 93 -8.91 14.96 11.09
N ARG B 94 -9.91 14.98 10.19
CA ARG B 94 -9.82 14.38 8.87
C ARG B 94 -8.60 14.88 8.10
N ASP B 95 -8.26 16.17 8.24
CA ASP B 95 -7.12 16.79 7.58
C ASP B 95 -5.80 16.36 8.20
N SER B 96 -5.69 16.46 9.54
CA SER B 96 -4.48 16.09 10.29
C SER B 96 -4.09 14.65 10.03
N GLN B 97 -5.10 13.75 9.93
CA GLN B 97 -5.00 12.32 9.61
C GLN B 97 -4.32 12.17 8.23
N MET B 98 -4.79 12.93 7.22
CA MET B 98 -4.25 12.97 5.86
C MET B 98 -2.80 13.45 5.86
N GLU B 99 -2.50 14.52 6.63
CA GLU B 99 -1.17 15.10 6.75
C GLU B 99 -0.15 14.09 7.33
N VAL B 100 -0.59 13.28 8.30
CA VAL B 100 0.19 12.24 8.96
C VAL B 100 0.47 11.14 7.94
N ASN B 101 -0.61 10.77 7.21
CA ASN B 101 -0.61 9.74 6.19
C ASN B 101 0.39 10.10 5.11
N ASP B 102 0.47 11.38 4.74
CA ASP B 102 1.40 11.83 3.71
C ASP B 102 2.85 11.63 4.09
N LEU B 103 3.19 11.98 5.36
CA LEU B 103 4.55 11.82 5.90
C LEU B 103 4.92 10.34 5.90
N LEU B 104 4.00 9.47 6.37
CA LEU B 104 4.19 8.01 6.38
C LEU B 104 4.43 7.48 4.97
N GLN B 105 3.70 8.05 3.97
CA GLN B 105 3.79 7.68 2.56
C GLN B 105 5.13 8.10 1.99
N LEU B 106 5.50 9.37 2.24
CA LEU B 106 6.75 9.96 1.82
C LEU B 106 7.93 9.17 2.37
N VAL B 107 7.86 8.78 3.66
CA VAL B 107 8.91 8.05 4.34
C VAL B 107 9.07 6.72 3.64
N ALA B 108 7.95 5.98 3.54
CA ALA B 108 7.89 4.70 2.89
C ALA B 108 8.42 4.79 1.46
N HIS B 109 8.06 5.85 0.72
CA HIS B 109 8.51 5.99 -0.66
C HIS B 109 9.97 6.26 -0.76
N THR B 110 10.46 7.26 -0.02
CA THR B 110 11.87 7.59 -0.06
C THR B 110 12.70 6.33 0.15
N ILE B 111 12.20 5.37 1.02
CA ILE B 111 12.89 4.09 1.33
C ILE B 111 12.89 3.15 0.12
N SER B 112 11.72 2.79 -0.42
CA SER B 112 11.65 1.88 -1.57
C SER B 112 12.40 2.42 -2.78
N ASN B 113 12.38 3.74 -2.96
CA ASN B 113 12.98 4.35 -4.13
C ASN B 113 14.48 4.33 -4.08
N GLN B 114 15.06 4.48 -2.87
CA GLN B 114 16.51 4.40 -2.71
C GLN B 114 16.94 2.98 -3.08
N VAL B 115 16.27 1.99 -2.44
CA VAL B 115 16.46 0.57 -2.62
C VAL B 115 16.33 0.19 -4.10
N THR B 116 15.20 0.56 -4.77
CA THR B 116 14.97 0.18 -6.17
C THR B 116 15.93 0.83 -7.16
N ASN B 117 16.59 1.91 -6.77
CA ASN B 117 17.54 2.51 -7.68
C ASN B 117 18.92 1.94 -7.44
N GLU B 118 19.37 1.96 -6.17
CA GLU B 118 20.68 1.46 -5.76
C GLU B 118 20.92 -0.06 -5.93
N ILE B 119 19.85 -0.92 -5.83
CA ILE B 119 19.93 -2.40 -5.90
C ILE B 119 20.86 -2.94 -7.02
N ILE B 120 20.72 -2.46 -8.28
CA ILE B 120 21.56 -2.89 -9.39
C ILE B 120 22.78 -1.96 -9.53
N THR B 121 23.95 -2.48 -9.11
CA THR B 121 25.27 -1.85 -9.07
C THR B 121 25.67 -1.19 -10.41
#